data_3O2K
#
_entry.id   3O2K
#
_cell.length_a   82.770
_cell.length_b   82.770
_cell.length_c   124.260
_cell.angle_alpha   90.00
_cell.angle_beta   90.00
_cell.angle_gamma   90.00
#
_symmetry.space_group_name_H-M   'P 41 21 2'
#
loop_
_entity.id
_entity.type
_entity.pdbx_description
1 polymer 'Brevianamide F prenyltransferase'
2 non-polymer 'DIMETHYLALLYL S-THIOLODIPHOSPHATE'
3 non-polymer (3S,8aS)-3-(1H-indol-3-ylmethyl)hexahydropyrrolo[1,2-a]pyrazine-1,4-dione
4 non-polymer '2-(N-MORPHOLINO)-ETHANESULFONIC ACID'
5 non-polymer 'CHLORIDE ION'
6 water water
#
_entity_poly.entity_id   1
_entity_poly.type   'polypeptide(L)'
_entity_poly.pdbx_seq_one_letter_code
;MPPAPPDQKPCHQLQPAPYRALSESILFGSVDEERWWHSTAPILSRLLISSNYDVDVQYKYLSLYRHLVLPALGPYPQRD
PETGIIATQWRSGMVLTGLPIEFSNNVARALIRIGVDPVTADSGTAQDPFNTTRPKVYLETAARLLPGVDLTRFYEFETE
LVITKAEEAVLQANPDLFRSPWKSQILTAMDLQKSGTVLVKAYFYPQPKSAVTGRSTEDLLVNAIRKVDREGRFETQLAN
LQRYIERRRRGLHVPGVTADKPPATAADKAFDACSFFPHFLSTDLVEPGKSRVKFYASERHVNLQMVEDIWTFGGLRRDP
DALRGLELLRHFWADIQMREGYYTMPRGFCELGKSSAGFEAPMMFHFHLDGSQSPFPDPQMYVCVFGMNSRKLVEGLTTF
YRRVGWEEMASHYQANFLANYPDEDFEKAAHLCAYVSFAYKNGGAYVTLYNHSFNPVGDVSFPNGSRSHHHHHH
;
_entity_poly.pdbx_strand_id   A
#
# COMPACT_ATOMS: atom_id res chain seq x y z
N PRO A 3 13.30 17.77 10.03
CA PRO A 3 13.40 17.09 8.75
C PRO A 3 13.39 18.06 7.57
N ALA A 4 14.35 17.92 6.66
CA ALA A 4 14.48 18.81 5.51
C ALA A 4 13.30 18.67 4.55
N PRO A 5 12.96 19.73 3.81
CA PRO A 5 11.83 19.67 2.90
C PRO A 5 12.14 18.79 1.69
N PRO A 6 11.10 18.10 1.16
CA PRO A 6 11.28 17.17 0.05
C PRO A 6 11.58 17.87 -1.28
N ASP A 7 12.37 17.23 -2.12
CA ASP A 7 12.63 17.70 -3.47
C ASP A 7 11.38 17.49 -4.33
N GLN A 8 11.16 18.40 -5.28
CA GLN A 8 10.10 18.22 -6.27
C GLN A 8 10.37 19.06 -7.51
N LYS A 9 10.79 18.39 -8.59
CA LYS A 9 11.02 19.02 -9.88
C LYS A 9 9.80 18.76 -10.75
N PRO A 10 9.44 19.72 -11.61
CA PRO A 10 8.32 19.49 -12.53
C PRO A 10 8.70 18.53 -13.67
N CYS A 11 7.76 17.68 -14.07
CA CYS A 11 7.95 16.75 -15.18
C CYS A 11 6.60 16.36 -15.75
N HIS A 12 6.24 16.97 -16.88
CA HIS A 12 4.93 16.74 -17.50
C HIS A 12 5.01 16.02 -18.85
N GLN A 13 6.22 15.62 -19.25
CA GLN A 13 6.44 14.99 -20.56
C GLN A 13 5.62 13.72 -20.72
N LEU A 14 4.96 13.58 -21.87
CA LEU A 14 4.16 12.40 -22.19
C LEU A 14 5.04 11.15 -22.24
N GLN A 15 6.25 11.32 -22.77
CA GLN A 15 7.22 10.24 -22.89
C GLN A 15 8.59 10.69 -22.37
N PRO A 16 8.84 10.49 -21.06
CA PRO A 16 10.13 10.85 -20.48
C PRO A 16 11.30 10.13 -21.15
N ALA A 17 12.45 10.78 -21.23
CA ALA A 17 13.60 10.27 -21.97
C ALA A 17 14.01 8.84 -21.61
N PRO A 18 14.08 8.53 -20.29
CA PRO A 18 14.45 7.18 -19.87
C PRO A 18 13.46 6.10 -20.30
N TYR A 19 12.18 6.43 -20.23
CA TYR A 19 11.12 5.54 -20.74
C TYR A 19 11.28 5.28 -22.24
N ARG A 20 11.60 6.32 -23.00
CA ARG A 20 11.82 6.18 -24.45
C ARG A 20 13.05 5.33 -24.76
N ALA A 21 14.17 5.65 -24.10
CA ALA A 21 15.44 4.96 -24.35
C ALA A 21 15.31 3.45 -24.13
N LEU A 22 14.63 3.07 -23.05
CA LEU A 22 14.38 1.66 -22.78
C LEU A 22 13.33 1.07 -23.73
N SER A 23 12.25 1.81 -23.99
CA SER A 23 11.20 1.34 -24.91
C SER A 23 11.74 1.00 -26.29
N GLU A 24 12.70 1.79 -26.77
CA GLU A 24 13.34 1.56 -28.07
C GLU A 24 14.38 0.44 -28.07
N SER A 25 14.66 -0.13 -26.89
CA SER A 25 15.70 -1.15 -26.74
C SER A 25 15.21 -2.51 -26.24
N ILE A 26 13.98 -2.57 -25.72
CA ILE A 26 13.47 -3.80 -25.09
C ILE A 26 12.81 -4.74 -26.10
N LEU A 27 13.19 -6.01 -26.05
CA LEU A 27 12.45 -7.07 -26.72
C LEU A 27 11.64 -7.81 -25.66
N PHE A 28 10.32 -7.72 -25.76
CA PHE A 28 9.43 -8.42 -24.82
C PHE A 28 9.11 -9.82 -25.34
N GLY A 29 9.09 -10.79 -24.44
CA GLY A 29 8.70 -12.17 -24.79
C GLY A 29 7.24 -12.46 -24.53
N SER A 30 6.48 -11.41 -24.21
CA SER A 30 5.06 -11.53 -23.89
C SER A 30 4.36 -10.22 -24.30
N VAL A 31 3.19 -10.35 -24.92
CA VAL A 31 2.36 -9.20 -25.28
C VAL A 31 1.89 -8.47 -24.02
N ASP A 32 1.56 -9.25 -22.99
CA ASP A 32 1.12 -8.70 -21.70
C ASP A 32 2.18 -7.78 -21.08
N GLU A 33 3.42 -8.27 -21.00
CA GLU A 33 4.52 -7.48 -20.44
C GLU A 33 4.70 -6.18 -21.22
N GLU A 34 4.67 -6.28 -22.55
CA GLU A 34 4.81 -5.12 -23.43
C GLU A 34 3.72 -4.08 -23.19
N ARG A 35 2.48 -4.53 -23.06
CA ARG A 35 1.35 -3.62 -22.84
C ARG A 35 1.33 -3.03 -21.44
N TRP A 36 1.74 -3.82 -20.44
CA TRP A 36 1.89 -3.31 -19.08
C TRP A 36 2.93 -2.20 -19.05
N TRP A 37 4.10 -2.47 -19.62
CA TRP A 37 5.18 -1.50 -19.72
C TRP A 37 4.68 -0.15 -20.22
N HIS A 38 4.02 -0.15 -21.38
CA HIS A 38 3.60 1.11 -22.01
C HIS A 38 2.47 1.83 -21.25
N SER A 39 1.72 1.09 -20.44
CA SER A 39 0.63 1.66 -19.64
C SER A 39 1.07 2.19 -18.29
N THR A 40 2.24 1.78 -17.81
CA THR A 40 2.72 2.12 -16.46
C THR A 40 4.13 2.72 -16.38
N ALA A 41 5.00 2.36 -17.32
CA ALA A 41 6.39 2.86 -17.32
C ALA A 41 6.52 4.38 -17.45
N PRO A 42 5.65 5.01 -18.26
CA PRO A 42 5.70 6.48 -18.32
C PRO A 42 5.45 7.13 -16.97
N ILE A 43 4.48 6.61 -16.22
CA ILE A 43 4.16 7.12 -14.90
C ILE A 43 5.36 6.97 -13.95
N LEU A 44 5.96 5.78 -13.92
CA LEU A 44 7.13 5.52 -13.04
C LEU A 44 8.31 6.44 -13.37
N SER A 45 8.57 6.65 -14.64
CA SER A 45 9.68 7.49 -15.09
C SER A 45 9.50 8.94 -14.65
N ARG A 46 8.29 9.47 -14.81
CA ARG A 46 7.95 10.82 -14.34
C ARG A 46 8.12 10.94 -12.83
N LEU A 47 7.65 9.92 -12.11
CA LEU A 47 7.73 9.94 -10.65
C LEU A 47 9.18 10.02 -10.16
N LEU A 48 10.08 9.30 -10.84
CA LEU A 48 11.49 9.27 -10.44
C LEU A 48 12.22 10.57 -10.80
N ILE A 49 11.83 11.20 -11.91
CA ILE A 49 12.42 12.47 -12.32
C ILE A 49 11.96 13.61 -11.41
N SER A 50 10.66 13.64 -11.12
CA SER A 50 10.09 14.68 -10.26
C SER A 50 10.56 14.53 -8.80
N SER A 51 10.78 13.29 -8.36
CA SER A 51 11.33 13.02 -7.03
C SER A 51 12.85 13.24 -6.94
N ASN A 52 13.47 13.62 -8.07
CA ASN A 52 14.89 13.98 -8.14
C ASN A 52 15.85 12.83 -7.80
N TYR A 53 15.54 11.65 -8.31
CA TYR A 53 16.48 10.53 -8.29
C TYR A 53 17.57 10.79 -9.31
N ASP A 54 18.76 10.28 -9.06
CA ASP A 54 19.86 10.36 -10.03
C ASP A 54 19.50 9.58 -11.29
N VAL A 55 20.08 9.98 -12.42
CA VAL A 55 19.77 9.38 -13.71
C VAL A 55 20.19 7.90 -13.75
N ASP A 56 21.36 7.57 -13.20
CA ASP A 56 21.80 6.18 -13.10
C ASP A 56 20.77 5.33 -12.34
N VAL A 57 20.26 5.87 -11.25
CA VAL A 57 19.28 5.18 -10.40
C VAL A 57 17.91 5.07 -11.07
N GLN A 58 17.52 6.09 -11.84
CA GLN A 58 16.29 6.03 -12.63
C GLN A 58 16.34 4.81 -13.56
N TYR A 59 17.45 4.65 -14.25
CA TYR A 59 17.61 3.57 -15.22
C TYR A 59 17.69 2.20 -14.56
N LYS A 60 18.29 2.13 -13.38
CA LYS A 60 18.32 0.89 -12.61
C LYS A 60 16.91 0.42 -12.24
N TYR A 61 16.07 1.36 -11.80
CA TYR A 61 14.73 1.01 -11.31
C TYR A 61 13.72 0.76 -12.43
N LEU A 62 13.89 1.43 -13.56
CA LEU A 62 13.06 1.16 -14.74
C LEU A 62 13.42 -0.19 -15.35
N SER A 63 14.71 -0.50 -15.38
CA SER A 63 15.18 -1.80 -15.87
C SER A 63 14.75 -2.91 -14.92
N LEU A 64 14.83 -2.64 -13.61
CA LEU A 64 14.35 -3.57 -12.59
C LEU A 64 12.84 -3.80 -12.75
N TYR A 65 12.10 -2.72 -12.98
CA TYR A 65 10.66 -2.82 -13.24
C TYR A 65 10.42 -3.76 -14.42
N ARG A 66 11.15 -3.55 -15.52
CA ARG A 66 11.03 -4.38 -16.71
C ARG A 66 11.32 -5.85 -16.43
N HIS A 67 12.40 -6.14 -15.72
CA HIS A 67 12.85 -7.51 -15.51
C HIS A 67 12.06 -8.26 -14.43
N LEU A 68 11.82 -7.59 -13.31
CA LEU A 68 11.26 -8.25 -12.12
C LEU A 68 9.74 -8.12 -12.04
N VAL A 69 9.22 -6.94 -12.32
CA VAL A 69 7.80 -6.65 -12.06
C VAL A 69 6.88 -7.05 -13.20
N LEU A 70 7.22 -6.66 -14.43
CA LEU A 70 6.35 -6.90 -15.58
C LEU A 70 5.81 -8.34 -15.69
N PRO A 71 6.69 -9.35 -15.52
CA PRO A 71 6.18 -10.74 -15.59
C PRO A 71 5.28 -11.13 -14.43
N ALA A 72 5.43 -10.43 -13.30
CA ALA A 72 4.62 -10.66 -12.10
C ALA A 72 3.21 -10.03 -12.18
N LEU A 73 2.98 -9.16 -13.16
CA LEU A 73 1.67 -8.52 -13.32
C LEU A 73 0.66 -9.42 -14.03
N GLY A 74 1.13 -10.49 -14.67
CA GLY A 74 0.25 -11.43 -15.32
C GLY A 74 -0.45 -10.84 -16.52
N PRO A 75 -1.67 -11.34 -16.85
CA PRO A 75 -2.42 -10.85 -18.01
C PRO A 75 -2.78 -9.36 -17.95
N TYR A 76 -2.57 -8.67 -19.07
CA TYR A 76 -2.95 -7.27 -19.22
C TYR A 76 -4.46 -7.15 -19.08
N PRO A 77 -4.96 -6.05 -18.49
CA PRO A 77 -6.41 -5.96 -18.26
C PRO A 77 -7.20 -5.87 -19.57
N GLN A 78 -8.39 -6.46 -19.57
CA GLN A 78 -9.24 -6.50 -20.76
C GLN A 78 -10.44 -5.58 -20.58
N ARG A 79 -10.92 -5.00 -21.67
CA ARG A 79 -12.01 -4.04 -21.63
C ARG A 79 -13.31 -4.65 -22.15
N ASP A 80 -14.38 -4.44 -21.40
CA ASP A 80 -15.72 -4.85 -21.80
C ASP A 80 -16.21 -3.90 -22.90
N PRO A 81 -16.57 -4.44 -24.08
CA PRO A 81 -17.05 -3.57 -25.17
C PRO A 81 -18.32 -2.77 -24.84
N GLU A 82 -19.23 -3.36 -24.08
CA GLU A 82 -20.50 -2.71 -23.74
C GLU A 82 -20.38 -1.71 -22.59
N THR A 83 -19.98 -2.19 -21.42
CA THR A 83 -19.92 -1.35 -20.21
C THR A 83 -18.68 -0.44 -20.18
N GLY A 84 -17.62 -0.85 -20.86
CA GLY A 84 -16.38 -0.07 -20.89
C GLY A 84 -15.48 -0.30 -19.69
N ILE A 85 -15.81 -1.30 -18.87
CA ILE A 85 -15.06 -1.56 -17.65
C ILE A 85 -13.75 -2.29 -17.96
N ILE A 86 -12.63 -1.68 -17.60
CA ILE A 86 -11.31 -2.27 -17.79
C ILE A 86 -10.89 -2.95 -16.48
N ALA A 87 -10.62 -4.25 -16.54
CA ALA A 87 -10.27 -5.01 -15.34
C ALA A 87 -9.52 -6.30 -15.67
N THR A 88 -8.78 -6.81 -14.69
CA THR A 88 -8.13 -8.11 -14.79
C THR A 88 -9.02 -9.18 -14.18
N GLN A 89 -8.76 -10.44 -14.53
CA GLN A 89 -9.48 -11.58 -13.96
C GLN A 89 -9.29 -11.64 -12.45
N TRP A 90 -8.04 -11.51 -12.01
CA TRP A 90 -7.72 -11.43 -10.58
C TRP A 90 -7.94 -10.02 -10.08
N ARG A 91 -8.83 -9.86 -9.10
CA ARG A 91 -9.07 -8.57 -8.47
C ARG A 91 -8.15 -8.46 -7.25
N SER A 92 -7.07 -7.71 -7.40
CA SER A 92 -6.07 -7.58 -6.35
C SER A 92 -6.60 -6.77 -5.17
N GLY A 93 -6.32 -7.25 -3.95
CA GLY A 93 -6.72 -6.56 -2.74
C GLY A 93 -5.81 -5.40 -2.39
N MET A 94 -4.87 -5.09 -3.28
CA MET A 94 -3.94 -3.98 -3.09
C MET A 94 -4.55 -2.63 -3.48
N VAL A 95 -5.43 -2.63 -4.48
CA VAL A 95 -6.04 -1.40 -4.99
C VAL A 95 -7.53 -1.60 -5.27
N LEU A 96 -8.33 -0.60 -4.93
CA LEU A 96 -9.79 -0.68 -5.10
C LEU A 96 -10.24 -0.81 -6.57
N THR A 97 -9.35 -0.52 -7.50
CA THR A 97 -9.57 -0.80 -8.91
C THR A 97 -9.38 -2.28 -9.24
N GLY A 98 -8.53 -2.95 -8.46
CA GLY A 98 -8.25 -4.37 -8.64
C GLY A 98 -7.01 -4.66 -9.47
N LEU A 99 -6.20 -3.63 -9.70
CA LEU A 99 -4.99 -3.78 -10.51
C LEU A 99 -3.84 -4.26 -9.62
N PRO A 100 -2.98 -5.16 -10.15
CA PRO A 100 -1.88 -5.70 -9.35
C PRO A 100 -0.67 -4.77 -9.21
N ILE A 101 -0.78 -3.53 -9.69
CA ILE A 101 0.33 -2.57 -9.62
C ILE A 101 -0.14 -1.22 -9.08
N GLU A 102 0.70 -0.63 -8.23
CA GLU A 102 0.44 0.70 -7.68
C GLU A 102 1.76 1.38 -7.31
N PHE A 103 1.96 2.59 -7.84
CA PHE A 103 3.07 3.43 -7.42
C PHE A 103 2.56 4.39 -6.37
N SER A 104 3.17 4.36 -5.18
CA SER A 104 2.84 5.30 -4.12
C SER A 104 3.95 6.34 -3.99
N ASN A 105 3.57 7.55 -3.59
CA ASN A 105 4.50 8.67 -3.50
C ASN A 105 4.61 9.19 -2.07
N ASN A 106 5.74 8.92 -1.42
CA ASN A 106 6.04 9.50 -0.12
C ASN A 106 6.50 10.94 -0.34
N VAL A 107 5.52 11.84 -0.37
CA VAL A 107 5.77 13.25 -0.67
C VAL A 107 6.42 14.03 0.48
N ALA A 108 6.60 13.37 1.63
CA ALA A 108 7.36 13.96 2.72
C ALA A 108 8.86 13.85 2.49
N ARG A 109 9.29 12.75 1.87
CA ARG A 109 10.71 12.51 1.59
C ARG A 109 11.04 12.49 0.10
N ALA A 110 10.03 12.63 -0.75
CA ALA A 110 10.20 12.50 -2.20
C ALA A 110 10.74 11.11 -2.56
N LEU A 111 10.12 10.07 -2.00
CA LEU A 111 10.48 8.68 -2.28
C LEU A 111 9.30 7.97 -2.94
N ILE A 112 9.63 7.06 -3.86
CA ILE A 112 8.66 6.28 -4.61
C ILE A 112 8.75 4.81 -4.23
N ARG A 113 7.60 4.16 -4.10
CA ARG A 113 7.53 2.74 -3.79
C ARG A 113 6.68 1.99 -4.81
N ILE A 114 7.10 0.79 -5.16
CA ILE A 114 6.38 -0.05 -6.12
C ILE A 114 5.62 -1.16 -5.37
N GLY A 115 4.31 -0.98 -5.25
CA GLY A 115 3.42 -2.02 -4.72
C GLY A 115 3.04 -2.98 -5.83
N VAL A 116 3.28 -4.27 -5.60
CA VAL A 116 2.96 -5.30 -6.58
C VAL A 116 2.19 -6.47 -5.94
N ASP A 117 1.17 -6.95 -6.64
CA ASP A 117 0.49 -8.21 -6.29
C ASP A 117 0.83 -9.24 -7.38
N PRO A 118 1.86 -10.07 -7.14
CA PRO A 118 2.31 -11.02 -8.16
C PRO A 118 1.27 -12.09 -8.51
N VAL A 119 0.90 -12.14 -9.78
CA VAL A 119 -0.14 -13.05 -10.26
C VAL A 119 0.27 -13.72 -11.58
N THR A 120 -0.48 -14.73 -11.98
CA THR A 120 -0.30 -15.41 -13.26
C THR A 120 -1.67 -15.51 -13.94
N ALA A 121 -1.69 -16.15 -15.12
CA ALA A 121 -2.95 -16.40 -15.83
C ALA A 121 -3.93 -17.25 -15.02
N ASP A 122 -3.40 -18.12 -14.16
CA ASP A 122 -4.23 -19.02 -13.35
C ASP A 122 -4.71 -18.41 -12.02
N SER A 123 -4.19 -17.25 -11.66
CA SER A 123 -4.57 -16.58 -10.41
C SER A 123 -6.05 -16.19 -10.42
N GLY A 124 -6.81 -16.78 -9.49
CA GLY A 124 -8.25 -16.51 -9.38
C GLY A 124 -9.13 -17.63 -9.91
N THR A 125 -8.62 -18.37 -10.90
CA THR A 125 -9.34 -19.50 -11.47
C THR A 125 -9.34 -20.69 -10.50
N ALA A 126 -9.92 -21.81 -10.92
CA ALA A 126 -9.97 -23.02 -10.10
C ALA A 126 -8.58 -23.61 -9.80
N GLN A 127 -7.62 -23.36 -10.68
CA GLN A 127 -6.26 -23.87 -10.51
C GLN A 127 -5.49 -23.20 -9.37
N ASP A 128 -5.79 -21.93 -9.11
CA ASP A 128 -5.11 -21.16 -8.06
C ASP A 128 -6.02 -20.02 -7.58
N PRO A 129 -7.08 -20.37 -6.83
CA PRO A 129 -8.12 -19.41 -6.48
C PRO A 129 -7.72 -18.37 -5.44
N PHE A 130 -6.67 -18.64 -4.65
CA PHE A 130 -6.20 -17.68 -3.65
C PHE A 130 -4.78 -17.17 -3.90
N ASN A 131 -4.22 -17.45 -5.09
CA ASN A 131 -2.92 -16.91 -5.50
C ASN A 131 -1.82 -17.18 -4.47
N THR A 132 -1.64 -18.45 -4.11
CA THR A 132 -0.73 -18.82 -3.03
C THR A 132 0.76 -18.83 -3.41
N THR A 133 1.07 -19.30 -4.62
CA THR A 133 2.46 -19.58 -5.01
C THR A 133 3.23 -18.39 -5.60
N ARG A 134 2.60 -17.60 -6.47
CA ARG A 134 3.35 -16.61 -7.26
C ARG A 134 4.02 -15.50 -6.43
N PRO A 135 3.34 -14.97 -5.41
CA PRO A 135 3.99 -13.99 -4.53
C PRO A 135 5.26 -14.49 -3.84
N LYS A 136 5.30 -15.78 -3.51
CA LYS A 136 6.49 -16.39 -2.93
C LYS A 136 7.63 -16.43 -3.95
N VAL A 137 7.31 -16.85 -5.17
CA VAL A 137 8.29 -16.94 -6.25
C VAL A 137 8.88 -15.56 -6.54
N TYR A 138 8.01 -14.55 -6.59
CA TYR A 138 8.39 -13.16 -6.78
C TYR A 138 9.41 -12.71 -5.72
N LEU A 139 9.12 -12.97 -4.45
CA LEU A 139 10.00 -12.56 -3.36
C LEU A 139 11.31 -13.35 -3.35
N GLU A 140 11.25 -14.61 -3.77
CA GLU A 140 12.46 -15.42 -3.93
C GLU A 140 13.33 -14.92 -5.08
N THR A 141 12.71 -14.53 -6.19
CA THR A 141 13.43 -13.94 -7.31
C THR A 141 14.07 -12.61 -6.90
N ALA A 142 13.30 -11.75 -6.26
CA ALA A 142 13.80 -10.49 -5.74
C ALA A 142 14.97 -10.71 -4.77
N ALA A 143 14.86 -11.72 -3.92
CA ALA A 143 15.88 -12.01 -2.91
C ALA A 143 17.25 -12.25 -3.52
N ARG A 144 17.31 -13.13 -4.51
CA ARG A 144 18.57 -13.48 -5.18
C ARG A 144 19.16 -12.30 -5.95
N LEU A 145 18.30 -11.51 -6.58
CA LEU A 145 18.74 -10.36 -7.38
C LEU A 145 19.23 -9.19 -6.52
N LEU A 146 18.49 -8.87 -5.46
CA LEU A 146 18.72 -7.67 -4.67
C LEU A 146 19.48 -7.96 -3.37
N PRO A 147 20.52 -7.16 -3.05
CA PRO A 147 21.28 -7.39 -1.81
C PRO A 147 20.52 -7.02 -0.54
N GLY A 148 20.88 -7.65 0.57
CA GLY A 148 20.30 -7.34 1.88
C GLY A 148 18.89 -7.86 2.11
N VAL A 149 18.33 -8.57 1.14
CA VAL A 149 16.97 -9.09 1.25
C VAL A 149 16.99 -10.43 1.98
N ASP A 150 16.58 -10.40 3.25
CA ASP A 150 16.49 -11.58 4.08
C ASP A 150 15.03 -12.06 4.15
N LEU A 151 14.79 -13.28 3.70
CA LEU A 151 13.43 -13.85 3.64
C LEU A 151 13.03 -14.58 4.92
N THR A 152 13.85 -14.52 5.97
CA THR A 152 13.58 -15.23 7.22
C THR A 152 12.22 -14.87 7.82
N ARG A 153 11.94 -13.58 7.93
CA ARG A 153 10.63 -13.11 8.41
C ARG A 153 9.47 -13.53 7.52
N PHE A 154 9.70 -13.53 6.21
CA PHE A 154 8.63 -13.90 5.26
C PHE A 154 8.18 -15.35 5.47
N TYR A 155 9.13 -16.27 5.55
CA TYR A 155 8.83 -17.70 5.65
C TYR A 155 8.10 -18.06 6.95
N GLU A 156 8.48 -17.40 8.04
CA GLU A 156 7.88 -17.65 9.35
C GLU A 156 6.42 -17.18 9.40
N PHE A 157 6.17 -15.99 8.86
CA PHE A 157 4.80 -15.46 8.79
C PHE A 157 3.97 -16.19 7.73
N GLU A 158 4.63 -16.66 6.67
CA GLU A 158 3.94 -17.39 5.59
C GLU A 158 3.42 -18.73 6.10
N THR A 159 4.24 -19.44 6.86
CA THR A 159 3.85 -20.70 7.50
C THR A 159 2.60 -20.52 8.37
N GLU A 160 2.52 -19.38 9.04
CA GLU A 160 1.51 -19.15 10.08
C GLU A 160 0.24 -18.44 9.56
N LEU A 161 0.36 -17.66 8.48
CA LEU A 161 -0.75 -16.81 8.03
C LEU A 161 -1.32 -17.13 6.63
N VAL A 162 -0.64 -18.00 5.88
CA VAL A 162 -1.08 -18.38 4.54
C VAL A 162 -1.57 -19.82 4.52
N ILE A 163 -2.64 -20.07 3.75
CA ILE A 163 -3.28 -21.38 3.73
C ILE A 163 -2.40 -22.44 3.06
N THR A 164 -2.48 -23.66 3.57
CA THR A 164 -1.76 -24.81 3.03
C THR A 164 -2.54 -25.40 1.86
N LYS A 165 -1.96 -26.41 1.20
CA LYS A 165 -2.62 -27.10 0.09
C LYS A 165 -3.93 -27.76 0.54
N ALA A 166 -3.91 -28.42 1.69
CA ALA A 166 -5.09 -29.09 2.25
C ALA A 166 -6.21 -28.10 2.58
N GLU A 167 -5.85 -26.97 3.19
CA GLU A 167 -6.82 -25.93 3.56
C GLU A 167 -7.43 -25.26 2.32
N GLU A 168 -6.65 -25.19 1.25
CA GLU A 168 -7.11 -24.63 -0.02
C GLU A 168 -8.19 -25.53 -0.64
N ALA A 169 -7.98 -26.84 -0.57
CA ALA A 169 -8.96 -27.81 -1.08
C ALA A 169 -10.32 -27.68 -0.38
N VAL A 170 -10.30 -27.39 0.92
CA VAL A 170 -11.54 -27.17 1.68
C VAL A 170 -12.30 -25.96 1.16
N LEU A 171 -11.57 -24.88 0.87
CA LEU A 171 -12.19 -23.65 0.34
C LEU A 171 -12.70 -23.83 -1.09
N GLN A 172 -11.98 -24.64 -1.88
CA GLN A 172 -12.43 -24.98 -3.23
C GLN A 172 -13.67 -25.87 -3.20
N ALA A 173 -13.66 -26.85 -2.31
CA ALA A 173 -14.79 -27.79 -2.17
C ALA A 173 -16.02 -27.14 -1.56
N ASN A 174 -15.82 -26.08 -0.79
CA ASN A 174 -16.92 -25.36 -0.12
C ASN A 174 -16.75 -23.84 -0.27
N PRO A 175 -17.16 -23.30 -1.42
CA PRO A 175 -17.01 -21.86 -1.74
C PRO A 175 -17.70 -20.89 -0.75
N ASP A 176 -18.75 -21.35 -0.08
CA ASP A 176 -19.52 -20.51 0.83
C ASP A 176 -18.75 -20.14 2.11
N LEU A 177 -17.71 -20.91 2.44
CA LEU A 177 -16.89 -20.65 3.63
C LEU A 177 -16.05 -19.36 3.53
N PHE A 178 -15.88 -18.83 2.31
CA PHE A 178 -15.17 -17.58 2.11
C PHE A 178 -15.74 -16.83 0.91
N ARG A 179 -16.66 -15.90 1.18
CA ARG A 179 -17.40 -15.18 0.12
C ARG A 179 -16.82 -13.80 -0.20
N SER A 180 -15.73 -13.42 0.47
CA SER A 180 -15.13 -12.10 0.26
C SER A 180 -14.42 -12.01 -1.09
N PRO A 181 -14.63 -10.90 -1.83
CA PRO A 181 -13.88 -10.69 -3.08
C PRO A 181 -12.38 -10.44 -2.87
N TRP A 182 -12.00 -9.97 -1.69
CA TRP A 182 -10.61 -9.70 -1.35
C TRP A 182 -9.89 -11.00 -0.98
N LYS A 183 -9.26 -11.61 -1.98
CA LYS A 183 -8.65 -12.94 -1.84
C LYS A 183 -7.11 -12.93 -1.79
N SER A 184 -6.49 -11.75 -1.91
CA SER A 184 -5.04 -11.64 -1.81
C SER A 184 -4.59 -11.98 -0.40
N GLN A 185 -3.67 -12.93 -0.27
CA GLN A 185 -3.07 -13.26 1.02
C GLN A 185 -1.76 -12.53 1.21
N ILE A 186 -0.93 -12.54 0.18
CA ILE A 186 0.38 -11.90 0.22
C ILE A 186 0.48 -10.77 -0.79
N LEU A 187 0.79 -9.57 -0.30
CA LEU A 187 1.16 -8.45 -1.15
C LEU A 187 2.62 -8.08 -0.92
N THR A 188 3.18 -7.31 -1.87
CA THR A 188 4.58 -6.92 -1.82
C THR A 188 4.77 -5.43 -2.07
N ALA A 189 5.89 -4.91 -1.59
CA ALA A 189 6.29 -3.53 -1.87
C ALA A 189 7.81 -3.40 -1.92
N MET A 190 8.29 -2.60 -2.86
CA MET A 190 9.71 -2.27 -2.96
C MET A 190 9.89 -0.78 -2.76
N ASP A 191 10.57 -0.41 -1.68
CA ASP A 191 10.94 0.97 -1.41
C ASP A 191 12.18 1.33 -2.22
N LEU A 192 12.06 2.37 -3.06
CA LEU A 192 13.17 2.80 -3.90
C LEU A 192 13.95 3.91 -3.21
N GLN A 193 15.08 3.56 -2.62
CA GLN A 193 15.95 4.53 -1.94
C GLN A 193 16.71 5.35 -2.98
N LYS A 194 17.17 6.54 -2.56
CA LYS A 194 17.94 7.41 -3.44
C LYS A 194 19.32 6.85 -3.78
N SER A 195 19.86 6.02 -2.89
CA SER A 195 21.19 5.43 -3.07
C SER A 195 21.24 4.38 -4.19
N GLY A 196 20.11 3.73 -4.45
CA GLY A 196 20.04 2.59 -5.38
C GLY A 196 19.60 1.31 -4.69
N THR A 197 19.67 1.27 -3.37
CA THR A 197 19.26 0.11 -2.59
C THR A 197 17.74 0.00 -2.58
N VAL A 198 17.23 -1.22 -2.80
CA VAL A 198 15.80 -1.47 -2.78
C VAL A 198 15.45 -2.18 -1.48
N LEU A 199 14.45 -1.66 -0.77
CA LEU A 199 14.00 -2.23 0.51
C LEU A 199 12.68 -2.96 0.23
N VAL A 200 12.65 -4.26 0.47
CA VAL A 200 11.50 -5.09 0.15
C VAL A 200 10.65 -5.39 1.39
N LYS A 201 9.33 -5.34 1.22
CA LYS A 201 8.39 -5.60 2.30
C LYS A 201 7.32 -6.59 1.85
N ALA A 202 6.87 -7.43 2.79
CA ALA A 202 5.78 -8.38 2.55
C ALA A 202 4.60 -8.03 3.44
N TYR A 203 3.38 -8.22 2.93
CA TYR A 203 2.15 -7.99 3.69
C TYR A 203 1.35 -9.29 3.71
N PHE A 204 0.78 -9.61 4.87
CA PHE A 204 0.03 -10.85 5.05
C PHE A 204 -1.41 -10.59 5.50
N TYR A 205 -2.36 -10.97 4.65
CA TYR A 205 -3.79 -10.85 4.93
C TYR A 205 -4.36 -12.25 5.24
N PRO A 206 -4.55 -12.58 6.53
CA PRO A 206 -4.86 -13.94 6.93
C PRO A 206 -6.36 -14.28 7.01
N GLN A 207 -7.20 -13.58 6.25
CA GLN A 207 -8.65 -13.80 6.31
C GLN A 207 -9.06 -15.18 5.79
N PRO A 208 -8.39 -15.68 4.72
CA PRO A 208 -8.64 -17.06 4.29
C PRO A 208 -8.19 -18.11 5.31
N LYS A 209 -7.04 -17.89 5.94
CA LYS A 209 -6.57 -18.78 7.00
C LYS A 209 -7.54 -18.78 8.17
N SER A 210 -8.06 -17.59 8.49
CA SER A 210 -9.05 -17.42 9.56
C SER A 210 -10.33 -18.21 9.29
N ALA A 211 -10.76 -18.21 8.03
CA ALA A 211 -11.98 -18.91 7.63
C ALA A 211 -11.89 -20.43 7.81
N VAL A 212 -10.77 -21.02 7.37
CA VAL A 212 -10.60 -22.47 7.43
C VAL A 212 -10.28 -23.00 8.83
N THR A 213 -9.35 -22.33 9.52
CA THR A 213 -8.87 -22.81 10.82
C THR A 213 -9.83 -22.51 11.96
N GLY A 214 -10.73 -21.56 11.76
CA GLY A 214 -11.66 -21.14 12.80
C GLY A 214 -11.01 -20.30 13.88
N ARG A 215 -9.97 -19.55 13.51
CA ARG A 215 -9.30 -18.65 14.44
C ARG A 215 -9.44 -17.22 13.91
N SER A 216 -9.72 -16.28 14.80
CA SER A 216 -9.95 -14.89 14.40
C SER A 216 -8.69 -14.26 13.81
N THR A 217 -8.88 -13.16 13.09
CA THR A 217 -7.74 -12.44 12.48
C THR A 217 -6.80 -11.91 13.55
N GLU A 218 -7.36 -11.36 14.63
CA GLU A 218 -6.58 -10.86 15.76
C GLU A 218 -5.66 -11.94 16.33
N ASP A 219 -6.23 -13.12 16.61
CA ASP A 219 -5.48 -14.21 17.20
C ASP A 219 -4.40 -14.75 16.25
N LEU A 220 -4.69 -14.78 14.96
CA LEU A 220 -3.72 -15.23 13.96
C LEU A 220 -2.51 -14.30 13.88
N LEU A 221 -2.76 -13.00 13.84
CA LEU A 221 -1.69 -12.00 13.76
C LEU A 221 -0.83 -11.95 15.02
N VAL A 222 -1.46 -11.84 16.17
CA VAL A 222 -0.75 -11.72 17.45
C VAL A 222 0.11 -12.95 17.74
N ASN A 223 -0.49 -14.13 17.64
CA ASN A 223 0.25 -15.39 17.81
C ASN A 223 1.40 -15.52 16.83
N ALA A 224 1.20 -15.02 15.60
CA ALA A 224 2.24 -15.02 14.59
C ALA A 224 3.42 -14.15 15.02
N ILE A 225 3.11 -12.91 15.40
CA ILE A 225 4.14 -11.95 15.83
C ILE A 225 4.87 -12.45 17.06
N ARG A 226 4.11 -12.99 18.00
CA ARG A 226 4.65 -13.48 19.28
C ARG A 226 5.54 -14.72 19.09
N LYS A 227 5.13 -15.61 18.19
CA LYS A 227 5.91 -16.82 17.89
C LYS A 227 7.20 -16.52 17.13
N VAL A 228 7.14 -15.53 16.24
CA VAL A 228 8.31 -15.12 15.45
C VAL A 228 9.30 -14.32 16.31
N ASP A 229 8.77 -13.51 17.23
CA ASP A 229 9.59 -12.67 18.10
C ASP A 229 10.27 -13.48 19.20
N ARG A 230 11.38 -14.12 18.85
CA ARG A 230 12.12 -14.98 19.78
C ARG A 230 12.75 -14.16 20.91
N GLU A 231 13.36 -13.03 20.57
CA GLU A 231 14.02 -12.17 21.56
C GLU A 231 13.04 -11.51 22.53
N GLY A 232 11.82 -11.25 22.06
CA GLY A 232 10.80 -10.58 22.88
C GLY A 232 10.91 -9.06 22.80
N ARG A 233 11.31 -8.57 21.64
CA ARG A 233 11.51 -7.13 21.43
C ARG A 233 10.18 -6.39 21.25
N PHE A 234 9.20 -7.05 20.63
CA PHE A 234 7.90 -6.43 20.35
C PHE A 234 6.88 -6.65 21.47
N GLU A 235 7.28 -7.31 22.56
CA GLU A 235 6.33 -7.77 23.58
C GLU A 235 5.56 -6.65 24.29
N THR A 236 6.26 -5.63 24.78
CA THR A 236 5.61 -4.55 25.53
C THR A 236 4.61 -3.77 24.66
N GLN A 237 5.02 -3.39 23.46
CA GLN A 237 4.17 -2.62 22.56
C GLN A 237 2.98 -3.42 22.04
N LEU A 238 3.19 -4.70 21.77
CA LEU A 238 2.11 -5.58 21.31
C LEU A 238 1.03 -5.78 22.39
N ALA A 239 1.47 -5.94 23.63
CA ALA A 239 0.54 -6.14 24.76
C ALA A 239 -0.35 -4.94 25.00
N ASN A 240 0.22 -3.73 24.90
CA ASN A 240 -0.55 -2.50 25.09
C ASN A 240 -1.47 -2.18 23.90
N LEU A 241 -1.14 -2.73 22.73
CA LEU A 241 -2.01 -2.66 21.57
C LEU A 241 -3.20 -3.61 21.76
N GLN A 242 -2.91 -4.82 22.24
CA GLN A 242 -3.96 -5.79 22.59
C GLN A 242 -4.93 -5.22 23.62
N ARG A 243 -4.38 -4.55 24.63
CA ARG A 243 -5.20 -3.90 25.68
C ARG A 243 -6.07 -2.79 25.12
N TYR A 244 -5.58 -2.08 24.10
CA TYR A 244 -6.39 -1.07 23.43
C TYR A 244 -7.48 -1.73 22.58
N ILE A 245 -7.13 -2.82 21.89
CA ILE A 245 -8.11 -3.59 21.12
C ILE A 245 -9.15 -4.20 22.06
N GLU A 246 -8.69 -4.66 23.23
CA GLU A 246 -9.56 -5.16 24.29
C GLU A 246 -10.50 -4.06 24.79
N ARG A 247 -9.95 -2.87 24.99
CA ARG A 247 -10.73 -1.71 25.42
C ARG A 247 -11.84 -1.35 24.42
N ARG A 248 -11.49 -1.33 23.14
CA ARG A 248 -12.45 -1.01 22.08
C ARG A 248 -13.50 -2.10 21.87
N ARG A 249 -13.17 -3.32 22.25
CA ARG A 249 -14.10 -4.44 22.16
C ARG A 249 -15.19 -4.32 23.23
N ARG A 250 -14.80 -3.90 24.43
CA ARG A 250 -15.72 -3.73 25.55
C ARG A 250 -16.38 -2.35 25.53
N CYS A 274 -18.24 -2.94 18.11
CA CYS A 274 -16.81 -2.78 17.87
C CYS A 274 -16.52 -2.50 16.39
N SER A 275 -16.00 -1.31 16.12
CA SER A 275 -15.67 -0.86 14.76
C SER A 275 -14.17 -0.96 14.46
N PHE A 276 -13.36 -1.23 15.48
CA PHE A 276 -11.92 -1.37 15.33
C PHE A 276 -11.60 -2.83 15.03
N PHE A 277 -11.21 -3.11 13.79
CA PHE A 277 -10.96 -4.47 13.33
C PHE A 277 -9.49 -4.69 12.98
N PRO A 278 -8.80 -5.59 13.70
CA PRO A 278 -7.48 -6.03 13.25
C PRO A 278 -7.57 -6.71 11.88
N HIS A 279 -6.69 -6.33 10.96
CA HIS A 279 -6.86 -6.63 9.53
C HIS A 279 -5.69 -7.43 8.95
N PHE A 280 -4.49 -6.87 9.03
CA PHE A 280 -3.31 -7.52 8.48
C PHE A 280 -2.02 -6.99 9.12
N LEU A 281 -0.88 -7.53 8.68
CA LEU A 281 0.43 -7.03 9.09
C LEU A 281 1.39 -6.98 7.92
N SER A 282 2.53 -6.32 8.15
CA SER A 282 3.62 -6.30 7.17
C SER A 282 4.96 -6.42 7.90
N THR A 283 5.99 -6.82 7.15
CA THR A 283 7.31 -6.99 7.71
C THR A 283 8.38 -6.64 6.66
N ASP A 284 9.40 -5.89 7.10
CA ASP A 284 10.59 -5.67 6.29
C ASP A 284 11.36 -6.97 6.17
N LEU A 285 12.08 -7.13 5.07
CA LEU A 285 12.84 -8.35 4.79
C LEU A 285 14.33 -8.07 4.93
N VAL A 286 14.78 -7.98 6.18
CA VAL A 286 16.17 -7.69 6.53
C VAL A 286 16.56 -8.50 7.77
N GLU A 287 17.75 -8.24 8.33
CA GLU A 287 18.23 -8.93 9.53
C GLU A 287 17.11 -9.18 10.55
N PRO A 288 16.83 -10.46 10.88
CA PRO A 288 15.66 -10.80 11.70
C PRO A 288 15.64 -10.14 13.08
N GLY A 289 16.78 -10.14 13.77
CA GLY A 289 16.89 -9.54 15.09
C GLY A 289 16.79 -8.02 15.08
N LYS A 290 16.95 -7.42 13.90
CA LYS A 290 16.83 -5.97 13.74
C LYS A 290 15.75 -5.59 12.71
N SER A 291 14.76 -6.46 12.50
CA SER A 291 13.65 -6.16 11.58
C SER A 291 12.41 -5.73 12.36
N ARG A 292 11.51 -5.02 11.69
CA ARG A 292 10.36 -4.41 12.36
C ARG A 292 9.03 -4.77 11.71
N VAL A 293 8.00 -4.93 12.54
CA VAL A 293 6.68 -5.37 12.11
C VAL A 293 5.68 -4.24 12.28
N LYS A 294 4.72 -4.17 11.35
CA LYS A 294 3.61 -3.22 11.45
C LYS A 294 2.29 -3.98 11.55
N PHE A 295 1.47 -3.60 12.52
CA PHE A 295 0.17 -4.21 12.74
C PHE A 295 -0.90 -3.26 12.19
N TYR A 296 -1.70 -3.74 11.25
CA TYR A 296 -2.74 -2.91 10.64
C TYR A 296 -4.12 -3.26 11.18
N ALA A 297 -4.93 -2.23 11.42
CA ALA A 297 -6.33 -2.38 11.79
C ALA A 297 -7.14 -1.35 11.02
N SER A 298 -8.38 -1.70 10.67
CA SER A 298 -9.28 -0.76 9.99
C SER A 298 -10.38 -0.29 10.94
N GLU A 299 -10.71 1.00 10.84
CA GLU A 299 -11.71 1.63 11.70
C GLU A 299 -12.89 2.10 10.84
N ARG A 300 -14.11 1.76 11.26
CA ARG A 300 -15.32 2.13 10.52
C ARG A 300 -15.76 3.56 10.81
N HIS A 301 -15.74 3.94 12.09
CA HIS A 301 -16.08 5.32 12.48
C HIS A 301 -14.98 6.26 12.04
N VAL A 302 -15.15 6.87 10.87
CA VAL A 302 -14.17 7.78 10.30
C VAL A 302 -14.47 9.22 10.73
N ASN A 303 -13.96 9.60 11.91
CA ASN A 303 -14.05 10.98 12.39
C ASN A 303 -12.86 11.33 13.28
N LEU A 304 -12.62 12.63 13.48
CA LEU A 304 -11.46 13.10 14.24
C LEU A 304 -11.46 12.69 15.71
N GLN A 305 -12.65 12.52 16.28
CA GLN A 305 -12.76 12.09 17.68
C GLN A 305 -12.24 10.66 17.84
N MET A 306 -12.59 9.80 16.88
CA MET A 306 -12.10 8.42 16.85
C MET A 306 -10.59 8.38 16.58
N VAL A 307 -10.11 9.30 15.74
CA VAL A 307 -8.68 9.36 15.41
C VAL A 307 -7.84 9.66 16.64
N GLU A 308 -8.24 10.67 17.43
CA GLU A 308 -7.54 10.99 18.68
C GLU A 308 -7.50 9.79 19.62
N ASP A 309 -8.63 9.10 19.74
CA ASP A 309 -8.73 7.92 20.61
C ASP A 309 -7.70 6.85 20.22
N ILE A 310 -7.61 6.58 18.92
CA ILE A 310 -6.64 5.61 18.39
C ILE A 310 -5.21 6.14 18.49
N TRP A 311 -5.02 7.39 18.09
CA TRP A 311 -3.70 8.01 18.06
C TRP A 311 -3.05 8.10 19.45
N THR A 312 -3.89 8.24 20.48
CA THR A 312 -3.44 8.38 21.86
C THR A 312 -3.71 7.16 22.73
N PHE A 313 -4.24 6.08 22.14
CA PHE A 313 -4.57 4.85 22.86
C PHE A 313 -5.52 5.12 24.04
N GLY A 314 -6.63 5.78 23.74
CA GLY A 314 -7.63 6.11 24.74
C GLY A 314 -7.18 7.14 25.76
N GLY A 315 -6.18 7.95 25.40
CA GLY A 315 -5.66 8.98 26.29
C GLY A 315 -4.44 8.57 27.10
N LEU A 316 -3.97 7.33 26.91
CA LEU A 316 -2.81 6.81 27.63
C LEU A 316 -1.50 7.37 27.07
N ARG A 317 -1.45 7.55 25.75
CA ARG A 317 -0.26 8.07 25.07
C ARG A 317 -0.48 9.54 24.72
N ARG A 318 0.02 10.42 25.60
CA ARG A 318 -0.15 11.87 25.43
C ARG A 318 1.15 12.63 25.74
N ASP A 319 2.27 12.09 25.28
CA ASP A 319 3.58 12.76 25.38
C ASP A 319 3.66 13.89 24.35
N PRO A 320 4.63 14.82 24.51
CA PRO A 320 4.69 15.99 23.61
C PRO A 320 4.74 15.65 22.13
N ASP A 321 5.53 14.64 21.76
CA ASP A 321 5.62 14.21 20.37
C ASP A 321 4.28 13.68 19.85
N ALA A 322 3.57 12.93 20.70
CA ALA A 322 2.27 12.38 20.34
C ALA A 322 1.21 13.45 20.14
N LEU A 323 1.22 14.47 21.00
CA LEU A 323 0.21 15.54 20.93
C LEU A 323 0.47 16.51 19.78
N ARG A 324 1.73 16.87 19.56
CA ARG A 324 2.11 17.71 18.43
C ARG A 324 1.74 17.07 17.10
N GLY A 325 1.91 15.75 17.02
CA GLY A 325 1.50 14.98 15.84
C GLY A 325 0.00 14.98 15.64
N LEU A 326 -0.76 14.87 16.72
CA LEU A 326 -2.22 14.91 16.65
C LEU A 326 -2.73 16.27 16.20
N GLU A 327 -2.08 17.34 16.66
CA GLU A 327 -2.46 18.71 16.28
C GLU A 327 -2.25 18.94 14.78
N LEU A 328 -1.13 18.45 14.24
CA LEU A 328 -0.85 18.56 12.81
C LEU A 328 -1.78 17.64 11.99
N LEU A 329 -2.15 16.50 12.57
CA LEU A 329 -3.12 15.60 11.95
C LEU A 329 -4.47 16.28 11.75
N ARG A 330 -4.88 17.11 12.72
CA ARG A 330 -6.15 17.84 12.62
C ARG A 330 -6.13 18.86 11.48
N HIS A 331 -5.00 19.51 11.25
CA HIS A 331 -4.83 20.40 10.11
C HIS A 331 -4.89 19.62 8.79
N PHE A 332 -4.11 18.55 8.71
CA PHE A 332 -4.11 17.65 7.56
C PHE A 332 -5.52 17.18 7.20
N TRP A 333 -6.28 16.81 8.23
CA TRP A 333 -7.66 16.34 8.06
C TRP A 333 -8.55 17.44 7.48
N ALA A 334 -8.43 18.65 8.02
CA ALA A 334 -9.25 19.78 7.57
C ALA A 334 -8.84 20.31 6.18
N ASP A 335 -7.54 20.29 5.88
CA ASP A 335 -7.04 20.80 4.59
C ASP A 335 -7.52 19.97 3.40
N ILE A 336 -7.49 18.65 3.55
CA ILE A 336 -7.94 17.74 2.50
C ILE A 336 -9.46 17.59 2.47
N GLN A 337 -10.15 18.20 3.43
CA GLN A 337 -11.62 18.22 3.50
C GLN A 337 -12.21 16.80 3.59
N MET A 338 -11.69 16.03 4.53
CA MET A 338 -12.12 14.66 4.77
C MET A 338 -13.56 14.64 5.28
N ARG A 339 -14.43 13.94 4.56
CA ARG A 339 -15.84 13.81 4.95
C ARG A 339 -15.99 12.71 5.98
N GLU A 340 -16.55 13.07 7.13
CA GLU A 340 -16.70 12.14 8.25
C GLU A 340 -17.93 11.23 8.05
N GLY A 341 -17.88 10.03 8.62
CA GLY A 341 -19.01 9.10 8.56
C GLY A 341 -18.69 7.71 9.06
N TYR A 342 -19.71 6.85 9.07
CA TYR A 342 -19.55 5.43 9.41
C TYR A 342 -19.56 4.62 8.11
N TYR A 343 -18.41 4.06 7.76
CA TYR A 343 -18.25 3.34 6.49
C TYR A 343 -17.84 1.89 6.72
N THR A 344 -18.58 0.96 6.12
CA THR A 344 -18.25 -0.46 6.19
C THR A 344 -17.32 -0.85 5.04
N MET A 345 -16.89 -2.11 5.05
CA MET A 345 -16.07 -2.65 3.97
C MET A 345 -16.95 -2.77 2.72
N PRO A 346 -16.47 -2.28 1.56
CA PRO A 346 -17.34 -2.23 0.37
C PRO A 346 -17.88 -3.59 -0.07
N ARG A 347 -19.01 -3.57 -0.78
CA ARG A 347 -19.64 -4.79 -1.28
C ARG A 347 -18.78 -5.46 -2.35
N GLY A 348 -18.14 -4.66 -3.19
CA GLY A 348 -17.24 -5.17 -4.23
C GLY A 348 -16.25 -4.13 -4.71
N PHE A 349 -15.51 -4.48 -5.75
CA PHE A 349 -14.49 -3.60 -6.32
C PHE A 349 -15.11 -2.51 -7.18
N CYS A 350 -14.39 -1.40 -7.31
CA CYS A 350 -14.78 -0.31 -8.20
C CYS A 350 -13.76 -0.18 -9.32
N GLU A 351 -13.93 -0.99 -10.35
CA GLU A 351 -12.96 -1.12 -11.43
C GLU A 351 -12.91 0.14 -12.31
N LEU A 352 -11.84 0.27 -13.10
CA LEU A 352 -11.64 1.42 -13.96
C LEU A 352 -12.68 1.42 -15.09
N GLY A 353 -13.68 2.30 -14.98
CA GLY A 353 -14.75 2.38 -15.96
C GLY A 353 -16.11 2.70 -15.36
N LYS A 354 -16.35 2.23 -14.13
CA LYS A 354 -17.62 2.48 -13.44
C LYS A 354 -17.53 3.67 -12.49
N SER A 355 -18.69 4.12 -12.00
CA SER A 355 -18.78 5.34 -11.19
C SER A 355 -18.21 5.13 -9.78
N SER A 356 -17.58 6.19 -9.25
CA SER A 356 -16.96 6.16 -7.93
C SER A 356 -17.90 6.73 -6.87
N PHE A 359 -18.38 6.85 -3.35
CA PHE A 359 -17.76 5.64 -2.82
C PHE A 359 -17.18 5.91 -1.44
N GLU A 360 -17.38 4.96 -0.53
CA GLU A 360 -16.92 5.09 0.85
C GLU A 360 -16.39 3.77 1.40
N ALA A 361 -15.46 3.86 2.34
CA ALA A 361 -14.81 2.69 2.94
C ALA A 361 -14.11 3.08 4.24
N PRO A 362 -13.76 2.07 5.07
CA PRO A 362 -13.20 2.38 6.39
C PRO A 362 -11.79 2.93 6.30
N MET A 363 -11.41 3.76 7.27
CA MET A 363 -10.04 4.24 7.38
C MET A 363 -9.19 3.18 8.07
N MET A 364 -7.88 3.32 7.98
CA MET A 364 -6.96 2.33 8.52
C MET A 364 -5.83 2.96 9.33
N PHE A 365 -5.25 2.15 10.21
CA PHE A 365 -4.11 2.55 11.02
C PHE A 365 -3.12 1.40 11.06
N HIS A 366 -1.84 1.71 10.88
CA HIS A 366 -0.80 0.73 11.20
C HIS A 366 -0.17 1.13 12.54
N PHE A 367 0.34 0.13 13.24
CA PHE A 367 1.02 0.36 14.51
C PHE A 367 2.41 -0.27 14.41
N HIS A 368 3.43 0.59 14.53
CA HIS A 368 4.79 0.22 14.23
C HIS A 368 5.47 -0.40 15.45
N LEU A 369 5.48 -1.73 15.51
CA LEU A 369 6.22 -2.46 16.53
C LEU A 369 7.72 -2.32 16.23
N ASP A 370 8.32 -1.25 16.76
CA ASP A 370 9.67 -0.86 16.37
C ASP A 370 10.78 -1.49 17.21
N GLY A 371 10.39 -2.12 18.32
CA GLY A 371 11.35 -2.74 19.24
C GLY A 371 12.17 -1.73 20.02
N SER A 372 11.67 -0.49 20.12
CA SER A 372 12.36 0.56 20.85
C SER A 372 12.00 0.51 22.33
N GLN A 373 12.42 1.53 23.08
CA GLN A 373 12.15 1.63 24.50
C GLN A 373 10.70 2.03 24.83
N SER A 374 9.96 2.53 23.83
CA SER A 374 8.64 3.11 24.05
C SER A 374 7.59 2.07 24.50
N PRO A 375 6.64 2.49 25.36
CA PRO A 375 5.54 1.60 25.76
C PRO A 375 4.50 1.35 24.66
N PHE A 376 4.31 2.33 23.78
CA PHE A 376 3.31 2.24 22.71
C PHE A 376 3.94 2.23 21.32
N PRO A 377 3.40 1.41 20.40
CA PRO A 377 3.90 1.39 19.03
C PRO A 377 3.48 2.63 18.23
N ASP A 378 4.38 3.12 17.38
CA ASP A 378 4.15 4.34 16.61
C ASP A 378 2.96 4.18 15.65
N PRO A 379 1.93 5.04 15.80
CA PRO A 379 0.76 4.94 14.92
C PRO A 379 0.89 5.72 13.61
N GLN A 380 0.26 5.22 12.56
CA GLN A 380 0.19 5.90 11.27
C GLN A 380 -1.22 5.73 10.70
N MET A 381 -1.83 6.83 10.28
CA MET A 381 -3.20 6.83 9.80
C MET A 381 -3.25 6.72 8.28
N TYR A 382 -4.19 5.91 7.79
CA TYR A 382 -4.50 5.83 6.37
C TYR A 382 -5.97 6.18 6.19
N VAL A 383 -6.26 7.15 5.33
CA VAL A 383 -7.64 7.51 5.02
C VAL A 383 -7.95 7.14 3.57
N CYS A 384 -9.05 6.42 3.36
CA CYS A 384 -9.47 6.06 2.02
C CYS A 384 -10.12 7.26 1.35
N VAL A 385 -9.42 7.85 0.38
CA VAL A 385 -9.92 8.99 -0.38
C VAL A 385 -10.53 8.57 -1.72
N PHE A 386 -10.51 7.26 -1.99
CA PHE A 386 -11.18 6.74 -3.18
C PHE A 386 -12.65 7.09 -3.08
N GLY A 387 -13.16 7.75 -4.13
CA GLY A 387 -14.53 8.28 -4.12
C GLY A 387 -14.56 9.80 -4.10
N MET A 388 -13.55 10.41 -3.48
CA MET A 388 -13.42 11.86 -3.44
C MET A 388 -12.73 12.35 -4.71
N ASN A 389 -13.11 13.54 -5.18
CA ASN A 389 -12.51 14.13 -6.37
C ASN A 389 -10.99 14.27 -6.20
N SER A 390 -10.24 13.63 -7.08
CA SER A 390 -8.79 13.53 -6.95
C SER A 390 -8.06 14.86 -7.15
N ARG A 391 -8.52 15.65 -8.11
CA ARG A 391 -7.99 17.00 -8.34
C ARG A 391 -8.23 17.89 -7.11
N LYS A 392 -9.43 17.78 -6.54
CA LYS A 392 -9.82 18.55 -5.37
C LYS A 392 -9.01 18.12 -4.14
N LEU A 393 -8.73 16.82 -4.03
CA LEU A 393 -7.91 16.28 -2.94
C LEU A 393 -6.48 16.80 -3.01
N VAL A 394 -5.91 16.83 -4.21
CA VAL A 394 -4.51 17.26 -4.39
C VAL A 394 -4.38 18.77 -4.17
N GLU A 395 -5.41 19.53 -4.52
CA GLU A 395 -5.46 20.96 -4.22
C GLU A 395 -5.47 21.17 -2.71
N GLY A 396 -6.26 20.36 -2.01
CA GLY A 396 -6.30 20.39 -0.55
C GLY A 396 -4.99 19.95 0.07
N LEU A 397 -4.32 19.00 -0.55
CA LEU A 397 -2.99 18.55 -0.11
C LEU A 397 -1.94 19.65 -0.30
N THR A 398 -2.07 20.43 -1.37
CA THR A 398 -1.18 21.55 -1.63
C THR A 398 -1.26 22.59 -0.50
N THR A 399 -2.47 22.83 0.00
CA THR A 399 -2.69 23.70 1.16
C THR A 399 -1.89 23.23 2.38
N PHE A 400 -1.87 21.91 2.59
CA PHE A 400 -1.09 21.32 3.68
C PHE A 400 0.42 21.39 3.44
N TYR A 401 0.85 21.27 2.18
CA TYR A 401 2.27 21.41 1.84
C TYR A 401 2.78 22.81 2.17
N ARG A 402 1.95 23.82 1.90
CA ARG A 402 2.30 25.20 2.25
C ARG A 402 2.31 25.44 3.75
N ARG A 403 1.44 24.74 4.48
CA ARG A 403 1.37 24.85 5.94
C ARG A 403 2.66 24.38 6.60
N VAL A 404 3.20 23.26 6.14
CA VAL A 404 4.43 22.68 6.71
C VAL A 404 5.70 23.14 5.98
N GLY A 405 5.56 24.09 5.05
CA GLY A 405 6.71 24.77 4.44
C GLY A 405 7.46 24.00 3.36
N TRP A 406 6.79 23.03 2.74
CA TRP A 406 7.39 22.26 1.64
C TRP A 406 7.20 23.03 0.33
N GLU A 407 8.10 23.99 0.10
CA GLU A 407 7.95 24.97 -0.97
C GLU A 407 7.93 24.34 -2.37
N GLU A 408 8.98 23.58 -2.70
CA GLU A 408 9.05 22.94 -4.01
C GLU A 408 7.87 22.00 -4.26
N MET A 409 7.47 21.26 -3.22
CA MET A 409 6.37 20.31 -3.32
C MET A 409 5.03 21.03 -3.52
N ALA A 410 4.82 22.13 -2.79
CA ALA A 410 3.61 22.92 -2.93
C ALA A 410 3.46 23.49 -4.33
N SER A 411 4.57 23.98 -4.89
CA SER A 411 4.57 24.63 -6.20
C SER A 411 4.39 23.66 -7.37
N HIS A 412 4.94 22.45 -7.25
CA HIS A 412 5.05 21.54 -8.41
C HIS A 412 4.25 20.24 -8.34
N TYR A 413 3.86 19.78 -7.15
CA TYR A 413 3.26 18.44 -7.04
C TYR A 413 1.94 18.28 -7.80
N GLN A 414 1.06 19.27 -7.69
CA GLN A 414 -0.25 19.21 -8.33
C GLN A 414 -0.13 18.99 -9.83
N ALA A 415 0.66 19.82 -10.50
CA ALA A 415 0.89 19.72 -11.93
C ALA A 415 1.51 18.37 -12.35
N ASN A 416 2.31 17.79 -11.46
CA ASN A 416 2.92 16.48 -11.72
C ASN A 416 1.93 15.32 -11.57
N PHE A 417 1.10 15.40 -10.54
CA PHE A 417 0.08 14.40 -10.28
C PHE A 417 -0.87 14.29 -11.46
N LEU A 418 -1.36 15.44 -11.92
CA LEU A 418 -2.32 15.48 -13.04
C LEU A 418 -1.67 15.06 -14.36
N ALA A 419 -0.39 15.37 -14.53
CA ALA A 419 0.35 15.02 -15.75
C ALA A 419 0.39 13.51 -16.02
N ASN A 420 0.26 12.71 -14.97
CA ASN A 420 0.22 11.24 -15.08
C ASN A 420 -1.04 10.68 -15.77
N TYR A 421 -2.08 11.51 -15.94
CA TYR A 421 -3.35 11.05 -16.54
C TYR A 421 -3.82 12.02 -17.63
N PRO A 422 -3.14 12.02 -18.79
CA PRO A 422 -3.40 13.01 -19.86
C PRO A 422 -4.85 13.04 -20.36
N ASP A 423 -5.34 11.89 -20.82
CA ASP A 423 -6.70 11.79 -21.36
C ASP A 423 -7.67 11.41 -20.24
N GLU A 424 -8.05 12.41 -19.45
CA GLU A 424 -8.88 12.19 -18.26
C GLU A 424 -9.71 13.44 -17.91
N ASP A 425 -10.94 13.21 -17.47
CA ASP A 425 -11.80 14.27 -16.95
C ASP A 425 -11.59 14.40 -15.44
N PHE A 426 -10.87 15.46 -15.03
CA PHE A 426 -10.58 15.68 -13.61
C PHE A 426 -11.77 16.27 -12.85
N GLU A 427 -12.79 16.71 -13.60
CA GLU A 427 -14.04 17.20 -13.02
C GLU A 427 -14.82 16.08 -12.33
N LYS A 428 -14.67 14.86 -12.84
CA LYS A 428 -15.41 13.69 -12.34
C LYS A 428 -14.51 12.58 -11.74
N ALA A 429 -13.22 12.62 -12.03
CA ALA A 429 -12.29 11.53 -11.64
C ALA A 429 -12.05 11.50 -10.13
N ALA A 430 -12.41 10.38 -9.51
CA ALA A 430 -12.27 10.20 -8.06
C ALA A 430 -11.51 8.92 -7.71
N HIS A 431 -10.72 8.41 -8.65
CA HIS A 431 -10.00 7.15 -8.47
C HIS A 431 -8.48 7.30 -8.63
N LEU A 432 -8.00 8.53 -8.85
CA LEU A 432 -6.58 8.77 -9.12
C LEU A 432 -5.74 8.68 -7.85
N CYS A 433 -6.37 8.95 -6.70
CA CYS A 433 -5.78 8.66 -5.39
C CYS A 433 -6.74 7.80 -4.59
N ALA A 434 -6.25 6.67 -4.09
CA ALA A 434 -7.07 5.73 -3.33
C ALA A 434 -6.94 5.96 -1.82
N TYR A 435 -5.70 6.02 -1.35
CA TYR A 435 -5.41 6.25 0.06
C TYR A 435 -4.40 7.37 0.23
N VAL A 436 -4.51 8.10 1.33
CA VAL A 436 -3.44 9.00 1.78
C VAL A 436 -3.08 8.63 3.22
N SER A 437 -1.79 8.60 3.51
CA SER A 437 -1.32 8.23 4.85
C SER A 437 -0.74 9.44 5.58
N PHE A 438 -0.83 9.41 6.92
CA PHE A 438 -0.26 10.47 7.75
C PHE A 438 0.42 9.90 8.99
N ALA A 439 1.66 10.33 9.23
CA ALA A 439 2.39 9.99 10.46
C ALA A 439 3.24 11.16 10.89
N TYR A 440 3.69 11.12 12.15
CA TYR A 440 4.58 12.14 12.71
C TYR A 440 5.93 11.48 13.01
N LYS A 441 6.93 11.77 12.17
CA LYS A 441 8.26 11.18 12.29
C LYS A 441 9.33 12.26 12.40
N ASN A 442 10.20 12.14 13.41
CA ASN A 442 11.32 13.06 13.62
C ASN A 442 10.89 14.52 13.68
N GLY A 443 9.80 14.78 14.40
CA GLY A 443 9.28 16.14 14.55
C GLY A 443 8.77 16.76 13.26
N GLY A 444 8.18 15.94 12.38
CA GLY A 444 7.68 16.43 11.10
C GLY A 444 6.65 15.52 10.47
N ALA A 445 5.78 16.10 9.65
CA ALA A 445 4.73 15.36 8.97
C ALA A 445 5.31 14.37 7.95
N TYR A 446 4.70 13.19 7.88
CA TYR A 446 5.11 12.13 6.98
C TYR A 446 3.87 11.70 6.18
N VAL A 447 3.84 12.07 4.90
CA VAL A 447 2.65 11.88 4.06
C VAL A 447 2.97 11.05 2.81
N THR A 448 2.12 10.07 2.51
CA THR A 448 2.27 9.22 1.34
C THR A 448 0.95 9.09 0.58
N LEU A 449 1.00 9.30 -0.73
CA LEU A 449 -0.17 9.16 -1.59
C LEU A 449 -0.10 7.83 -2.35
N TYR A 450 -1.18 7.08 -2.30
CA TYR A 450 -1.28 5.80 -3.01
C TYR A 450 -2.17 6.00 -4.24
N ASN A 451 -1.53 6.06 -5.40
CA ASN A 451 -2.16 6.59 -6.62
C ASN A 451 -2.34 5.58 -7.74
N HIS A 452 -3.40 5.80 -8.53
CA HIS A 452 -3.65 5.09 -9.78
C HIS A 452 -2.38 5.09 -10.63
N SER A 453 -2.03 3.94 -11.18
CA SER A 453 -0.74 3.74 -11.82
C SER A 453 -0.88 3.09 -13.19
N PHE A 454 -1.94 3.45 -13.92
CA PHE A 454 -2.30 2.77 -15.16
C PHE A 454 -2.97 3.73 -16.16
N ASN A 455 -2.45 3.75 -17.38
CA ASN A 455 -3.04 4.48 -18.50
C ASN A 455 -3.30 3.55 -19.67
N PRO A 456 -4.57 3.33 -20.03
CA PRO A 456 -4.86 2.54 -21.24
C PRO A 456 -4.46 3.27 -22.52
#